data_9BE1
#
_entry.id   9BE1
#
_cell.length_a   46.999
_cell.length_b   47.031
_cell.length_c   98.682
_cell.angle_alpha   90.03
_cell.angle_beta   89.96
_cell.angle_gamma   59.99
#
_symmetry.space_group_name_H-M   'P 1'
#
loop_
_entity.id
_entity.type
_entity.pdbx_description
1 polymer "DNA (5'-D(*CP*GP*GP*GP*AP*AP*TP*TP*TP*CP*CP*GP*CP*GP*GP*AP*AP*AP*TP*TP*CP*CP*CP*G)-3')"
2 polymer "DNA (5'-D(*CP*GP*GP*GP*AP*AP*TP*TP*TP*CP*CP*GP*CP*GP*GP*AP*AP*AP*TP*TP*CP*CP*CP*G)-3')"
3 non-polymer 'ZINC ION'
4 non-polymer 'ACETATE ION'
5 water water
#
loop_
_entity_poly.entity_id
_entity_poly.type
_entity_poly.pdbx_seq_one_letter_code
_entity_poly.pdbx_strand_id
1 'polydeoxyribonucleotide' (DC)(DG)(DG)(DG)(DA)(DA)(DC)(DT)(DT)(DC)(DC)(DG) A,E,G,I,K,N,Y,W,U,S,Q,M
2 'polydeoxyribonucleotide' (DC)(DG)(DG)(DA)(DA)(DG)(DT)(DT)(DC)(DC)(DC)(DG) P,T,X,b,d,f,h,j,l,n,p,r
#